data_1Q93
#
_entry.id   1Q93
#
_cell.length_a   42.143
_cell.length_b   42.143
_cell.length_c   336.167
_cell.angle_alpha   90.00
_cell.angle_beta   90.00
_cell.angle_gamma   90.00
#
_symmetry.space_group_name_H-M   'P 43 2 2'
#
loop_
_entity.id
_entity.type
_entity.pdbx_description
1 polymer 'Sarcin/Ricin 28S rRNA'
2 non-polymer 'SULFATE ION'
3 non-polymer 'SODIUM ION'
4 water water
#
_entity_poly.entity_id   1
_entity_poly.type   'polyribonucleotide'
_entity_poly.pdbx_seq_one_letter_code
;GGUGCUCAGUAGGAGACGAACCGCACC
;
_entity_poly.pdbx_strand_id   A,B,C
#
loop_
_chem_comp.id
_chem_comp.type
_chem_comp.name
_chem_comp.formula
A RNA linking ADENOSINE-5'-MONOPHOSPHATE 'C10 H14 N5 O7 P'
C RNA linking CYTIDINE-5'-MONOPHOSPHATE 'C9 H14 N3 O8 P'
G RNA linking GUANOSINE-5'-MONOPHOSPHATE 'C10 H14 N5 O8 P'
N RNA linking 'ANY 5'-MONOPHOSPHATE NUCLEOTIDE' 'C5 H11 O7 P'
NA non-polymer 'SODIUM ION' 'Na 1'
SO4 non-polymer 'SULFATE ION' 'O4 S -2'
U RNA linking URIDINE-5'-MONOPHOSPHATE 'C9 H13 N2 O9 P'
#
# COMPACT_ATOMS: atom_id res chain seq x y z
S SO4 D . -5.86 -5.06 -1.42
O1 SO4 D . -5.11 -5.65 -2.55
O2 SO4 D . -5.55 -3.62 -1.36
O3 SO4 D . -7.29 -5.25 -1.66
O4 SO4 D . -5.46 -5.71 -0.16
S SO4 E . -21.53 -4.77 -36.27
O1 SO4 E . -22.27 -4.99 -37.53
O2 SO4 E . -21.85 -3.43 -35.74
O3 SO4 E . -21.92 -5.80 -35.29
O4 SO4 E . -20.08 -4.85 -36.53
S SO4 F . -19.67 -3.89 -29.87
O1 SO4 F . -18.62 -3.61 -28.86
O2 SO4 F . -19.68 -2.80 -30.88
O3 SO4 F . -19.40 -5.18 -30.53
O4 SO4 F . -20.98 -3.95 -29.19
S SO4 G . 3.13 2.04 -20.23
O1 SO4 G . 2.91 3.49 -20.11
O2 SO4 G . 2.05 1.46 -21.05
O3 SO4 G . 4.43 1.78 -20.88
O4 SO4 G . 3.13 1.42 -18.89
S SO4 H . 7.04 -9.95 20.97
O1 SO4 H . 6.60 -8.55 21.05
O2 SO4 H . 6.07 -10.72 20.16
O3 SO4 H . 8.37 -10.01 20.35
O4 SO4 H . 7.10 -10.52 22.34
NA NA I . 5.79 0.30 5.21
S SO4 J . -0.29 -5.16 2.45
O1 SO4 J . 0.63 -4.08 2.88
O2 SO4 J . -0.99 -4.77 1.22
O3 SO4 J . 0.50 -6.39 2.20
O4 SO4 J . -1.28 -5.41 3.51
S SO4 K . 18.85 15.18 34.11
O1 SO4 K . 18.43 15.64 32.77
O2 SO4 K . 18.45 16.18 35.12
O3 SO4 K . 18.22 13.87 34.40
O4 SO4 K . 20.32 15.00 34.15
S SO4 L . 17.17 11.55 29.23
O1 SO4 L . 17.60 11.65 27.82
O2 SO4 L . 15.75 11.15 29.28
O3 SO4 L . 17.98 10.55 29.93
O4 SO4 L . 17.34 12.88 29.87
#